data_6Q5Z
#
_entry.id   6Q5Z
#
_entity_poly.entity_id   1
_entity_poly.type   'polypeptide(L)'
_entity_poly.pdbx_seq_one_letter_code
;GAMGNVNCGGVPCKFGCCREDRCREIDCD
;
_entity_poly.pdbx_strand_id   A
#
# COMPACT_ATOMS: atom_id res chain seq x y z
N GLY A 1 -19.47 4.72 -2.64
CA GLY A 1 -19.59 4.76 -1.15
C GLY A 1 -18.34 4.12 -0.52
N ALA A 2 -17.92 2.99 -1.07
CA ALA A 2 -16.76 2.28 -0.56
C ALA A 2 -15.50 3.12 -0.75
N MET A 3 -14.60 3.06 0.23
CA MET A 3 -13.35 3.81 0.16
C MET A 3 -12.50 3.33 -1.01
N GLY A 4 -12.50 2.03 -1.24
CA GLY A 4 -11.72 1.46 -2.34
C GLY A 4 -10.22 1.40 -1.99
N ASN A 5 -9.90 1.52 -0.72
CA ASN A 5 -8.52 1.48 -0.28
C ASN A 5 -8.03 0.05 -0.12
N VAL A 6 -6.76 -0.10 0.20
CA VAL A 6 -6.16 -1.42 0.39
C VAL A 6 -5.21 -1.39 1.58
N ASN A 7 -4.92 -2.55 2.16
CA ASN A 7 -4.01 -2.62 3.31
C ASN A 7 -3.06 -3.81 3.14
N CYS A 8 -1.83 -3.66 3.64
CA CYS A 8 -0.86 -4.74 3.54
C CYS A 8 -0.65 -5.36 4.93
N GLY A 9 -0.49 -6.68 4.96
CA GLY A 9 -0.31 -7.36 6.24
C GLY A 9 0.92 -6.84 6.96
N GLY A 10 1.98 -6.58 6.22
CA GLY A 10 3.21 -6.08 6.82
C GLY A 10 3.05 -4.64 7.31
N VAL A 11 2.34 -3.82 6.54
CA VAL A 11 2.14 -2.42 6.92
C VAL A 11 0.81 -1.88 6.43
N PRO A 12 0.31 -0.85 7.04
CA PRO A 12 -0.94 -0.21 6.58
C PRO A 12 -0.60 0.75 5.45
N CYS A 13 -1.18 0.53 4.29
CA CYS A 13 -0.90 1.39 3.15
C CYS A 13 -2.13 1.46 2.25
N LYS A 14 -2.75 2.65 2.20
CA LYS A 14 -3.95 2.84 1.40
C LYS A 14 -3.73 2.55 -0.08
N PHE A 15 -2.57 2.97 -0.60
CA PHE A 15 -2.28 2.74 -2.02
C PHE A 15 -0.78 2.75 -2.26
N GLY A 16 -0.29 1.75 -3.00
CA GLY A 16 1.13 1.67 -3.30
C GLY A 16 1.57 0.22 -3.44
N CYS A 17 2.87 0.00 -3.50
CA CYS A 17 3.40 -1.35 -3.62
C CYS A 17 3.93 -1.83 -2.27
N CYS A 18 3.46 -3.01 -1.86
CA CYS A 18 3.89 -3.56 -0.58
C CYS A 18 4.91 -4.69 -0.78
N ARG A 19 6.13 -4.45 -0.34
CA ARG A 19 7.20 -5.43 -0.45
C ARG A 19 8.03 -5.47 0.83
N GLU A 20 8.54 -6.64 1.18
CA GLU A 20 9.35 -6.79 2.39
C GLU A 20 8.65 -6.15 3.59
N ASP A 21 7.34 -6.37 3.67
CA ASP A 21 6.56 -5.80 4.78
C ASP A 21 6.73 -4.29 4.86
N ARG A 22 6.84 -3.65 3.70
CA ARG A 22 6.99 -2.20 3.65
C ARG A 22 6.32 -1.65 2.40
N CYS A 23 5.51 -0.60 2.56
CA CYS A 23 4.81 0.00 1.43
C CYS A 23 5.60 1.18 0.87
N ARG A 24 5.94 1.10 -0.40
CA ARG A 24 6.69 2.16 -1.06
C ARG A 24 5.86 2.78 -2.19
N GLU A 25 5.81 4.11 -2.21
CA GLU A 25 5.06 4.80 -3.25
C GLU A 25 6.04 5.54 -4.16
N ILE A 26 6.73 4.78 -5.01
CA ILE A 26 7.71 5.33 -5.95
C ILE A 26 8.49 4.19 -6.60
N ASP A 27 8.93 4.38 -7.83
CA ASP A 27 9.71 3.36 -8.53
C ASP A 27 8.97 2.03 -8.56
N CYS A 28 7.65 2.10 -8.74
CA CYS A 28 6.85 0.88 -8.80
C CYS A 28 5.65 1.07 -9.72
N ASP A 29 5.44 0.12 -10.63
CA ASP A 29 4.32 0.20 -11.56
C ASP A 29 3.00 0.18 -10.81
N GLY A 1 -20.75 7.19 0.22
CA GLY A 1 -21.10 6.11 1.17
C GLY A 1 -19.85 5.30 1.49
N ALA A 2 -20.02 3.99 1.66
CA ALA A 2 -18.90 3.11 1.97
C ALA A 2 -17.91 3.10 0.82
N MET A 3 -16.62 3.06 1.15
CA MET A 3 -15.58 3.04 0.13
C MET A 3 -14.58 1.93 0.40
N GLY A 4 -13.98 1.39 -0.66
CA GLY A 4 -13.01 0.31 -0.52
C GLY A 4 -11.67 0.85 -0.06
N ASN A 5 -10.76 -0.06 0.29
CA ASN A 5 -9.43 0.34 0.74
C ASN A 5 -8.43 -0.80 0.55
N VAL A 6 -7.17 -0.51 0.86
CA VAL A 6 -6.11 -1.51 0.70
C VAL A 6 -5.34 -1.65 2.01
N ASN A 7 -5.03 -2.88 2.36
CA ASN A 7 -4.28 -3.14 3.59
C ASN A 7 -3.22 -4.22 3.35
N CYS A 8 -2.00 -3.96 3.80
CA CYS A 8 -0.92 -4.93 3.65
C CYS A 8 -0.58 -5.50 5.03
N GLY A 9 -0.20 -6.78 5.06
CA GLY A 9 0.12 -7.43 6.33
C GLY A 9 1.26 -6.72 7.05
N GLY A 10 2.27 -6.29 6.31
CA GLY A 10 3.41 -5.61 6.90
C GLY A 10 3.03 -4.22 7.40
N VAL A 11 2.21 -3.52 6.63
CA VAL A 11 1.79 -2.17 7.00
C VAL A 11 0.43 -1.83 6.42
N PRO A 12 -0.28 -0.90 7.00
CA PRO A 12 -1.56 -0.46 6.43
C PRO A 12 -1.27 0.56 5.34
N CYS A 13 -1.74 0.29 4.14
CA CYS A 13 -1.46 1.20 3.03
C CYS A 13 -2.67 1.31 2.10
N LYS A 14 -3.25 2.51 2.02
CA LYS A 14 -4.42 2.74 1.19
C LYS A 14 -4.12 2.47 -0.28
N PHE A 15 -2.94 2.87 -0.75
CA PHE A 15 -2.58 2.65 -2.15
C PHE A 15 -1.07 2.74 -2.33
N GLY A 16 -0.50 1.76 -2.99
CA GLY A 16 0.93 1.73 -3.24
C GLY A 16 1.44 0.30 -3.38
N CYS A 17 2.77 0.15 -3.44
CA CYS A 17 3.36 -1.18 -3.56
C CYS A 17 3.83 -1.66 -2.21
N CYS A 18 3.43 -2.88 -1.82
CA CYS A 18 3.82 -3.42 -0.54
C CYS A 18 4.92 -4.47 -0.71
N ARG A 19 6.12 -4.12 -0.25
CA ARG A 19 7.26 -5.04 -0.34
C ARG A 19 8.07 -4.96 0.95
N GLU A 20 8.70 -6.07 1.31
CA GLU A 20 9.49 -6.11 2.54
C GLU A 20 8.68 -5.59 3.71
N ASP A 21 7.41 -5.96 3.75
CA ASP A 21 6.51 -5.53 4.82
C ASP A 21 6.47 -4.01 4.93
N ARG A 22 6.65 -3.33 3.81
CA ARG A 22 6.61 -1.87 3.79
C ARG A 22 5.87 -1.39 2.55
N CYS A 23 5.14 -0.29 2.67
CA CYS A 23 4.40 0.25 1.53
C CYS A 23 5.09 1.50 0.99
N ARG A 24 5.47 1.46 -0.28
CA ARG A 24 6.14 2.58 -0.92
C ARG A 24 5.23 3.25 -1.94
N GLU A 25 5.17 4.57 -1.89
CA GLU A 25 4.34 5.31 -2.83
C GLU A 25 5.21 6.32 -3.59
N ILE A 26 6.02 5.81 -4.51
CA ILE A 26 6.91 6.65 -5.33
C ILE A 26 7.89 5.78 -6.12
N ASP A 27 7.94 6.00 -7.42
CA ASP A 27 8.85 5.26 -8.28
C ASP A 27 8.73 3.75 -8.07
N CYS A 28 7.51 3.25 -7.87
CA CYS A 28 7.32 1.82 -7.67
C CYS A 28 7.79 1.05 -8.90
N ASP A 29 7.35 1.49 -10.07
CA ASP A 29 7.73 0.83 -11.32
C ASP A 29 9.25 0.81 -11.48
N GLY A 1 -23.19 5.44 0.27
CA GLY A 1 -21.84 5.90 -0.18
C GLY A 1 -20.80 5.52 0.87
N ALA A 2 -19.75 4.86 0.43
CA ALA A 2 -18.68 4.44 1.35
C ALA A 2 -17.33 4.44 0.65
N MET A 3 -16.27 4.64 1.42
CA MET A 3 -14.92 4.66 0.87
C MET A 3 -14.14 3.42 1.28
N GLY A 4 -13.59 2.72 0.31
CA GLY A 4 -12.81 1.51 0.60
C GLY A 4 -11.37 1.88 0.96
N ASN A 5 -10.57 0.85 1.24
CA ASN A 5 -9.17 1.08 1.61
C ASN A 5 -8.33 -0.15 1.30
N VAL A 6 -7.02 -0.02 1.51
CA VAL A 6 -6.10 -1.12 1.26
C VAL A 6 -5.27 -1.41 2.51
N ASN A 7 -5.09 -2.68 2.83
CA ASN A 7 -4.31 -3.04 4.00
C ASN A 7 -3.36 -4.19 3.67
N CYS A 8 -2.08 -4.00 3.96
CA CYS A 8 -1.09 -5.04 3.71
C CYS A 8 -0.78 -5.76 5.01
N GLY A 9 -0.55 -7.06 4.94
CA GLY A 9 -0.29 -7.84 6.14
C GLY A 9 0.93 -7.32 6.89
N GLY A 10 1.97 -6.94 6.16
CA GLY A 10 3.17 -6.43 6.79
C GLY A 10 2.93 -5.04 7.40
N VAL A 11 2.21 -4.19 6.68
CA VAL A 11 1.92 -2.84 7.16
C VAL A 11 0.58 -2.33 6.67
N PRO A 12 0.03 -1.35 7.33
CA PRO A 12 -1.23 -0.73 6.86
C PRO A 12 -0.87 0.33 5.82
N CYS A 13 -1.42 0.19 4.63
CA CYS A 13 -1.10 1.14 3.57
C CYS A 13 -2.32 1.42 2.70
N LYS A 14 -2.78 2.67 2.68
CA LYS A 14 -3.95 3.05 1.90
C LYS A 14 -3.73 2.79 0.42
N PHE A 15 -2.57 3.16 -0.10
CA PHE A 15 -2.28 2.95 -1.52
C PHE A 15 -0.78 2.98 -1.77
N GLY A 16 -0.29 1.97 -2.49
CA GLY A 16 1.13 1.89 -2.80
C GLY A 16 1.55 0.45 -3.07
N CYS A 17 2.86 0.22 -3.11
CA CYS A 17 3.37 -1.13 -3.35
C CYS A 17 3.82 -1.75 -2.04
N CYS A 18 3.32 -2.95 -1.72
CA CYS A 18 3.71 -3.60 -0.47
C CYS A 18 4.73 -4.71 -0.73
N ARG A 19 5.96 -4.47 -0.28
CA ARG A 19 7.03 -5.43 -0.45
C ARG A 19 7.87 -5.51 0.83
N GLU A 20 8.42 -6.69 1.10
CA GLU A 20 9.25 -6.87 2.30
C GLU A 20 8.51 -6.35 3.53
N ASP A 21 7.21 -6.62 3.59
CA ASP A 21 6.39 -6.18 4.72
C ASP A 21 6.51 -4.68 4.92
N ARG A 22 6.68 -3.95 3.82
CA ARG A 22 6.81 -2.50 3.87
C ARG A 22 6.11 -1.88 2.66
N CYS A 23 5.32 -0.84 2.90
CA CYS A 23 4.61 -0.18 1.81
C CYS A 23 5.37 1.06 1.32
N ARG A 24 5.74 1.05 0.06
CA ARG A 24 6.47 2.17 -0.52
C ARG A 24 5.58 2.94 -1.49
N GLU A 25 5.61 4.27 -1.38
CA GLU A 25 4.81 5.10 -2.27
C GLU A 25 5.70 6.03 -3.09
N ILE A 26 6.37 5.45 -4.08
CA ILE A 26 7.26 6.20 -4.97
C ILE A 26 8.05 5.25 -5.87
N ASP A 27 8.25 5.67 -7.12
CA ASP A 27 9.00 4.87 -8.08
C ASP A 27 8.45 3.45 -8.18
N CYS A 28 7.13 3.31 -8.11
CA CYS A 28 6.52 2.00 -8.22
C CYS A 28 5.16 2.10 -8.92
N ASP A 29 4.95 1.25 -9.91
CA ASP A 29 3.70 1.25 -10.66
C ASP A 29 3.06 -0.14 -10.63
N GLY A 1 -15.99 3.27 -10.13
CA GLY A 1 -14.78 2.67 -9.48
C GLY A 1 -15.12 2.28 -8.04
N ALA A 2 -14.57 1.16 -7.60
CA ALA A 2 -14.80 0.68 -6.24
C ALA A 2 -14.30 1.69 -5.21
N MET A 3 -13.15 2.28 -5.50
CA MET A 3 -12.55 3.25 -4.59
C MET A 3 -12.41 2.67 -3.19
N GLY A 4 -12.01 1.40 -3.12
CA GLY A 4 -11.84 0.74 -1.83
C GLY A 4 -10.51 1.10 -1.20
N ASN A 5 -10.27 0.58 0.01
CA ASN A 5 -9.02 0.86 0.71
C ASN A 5 -8.14 -0.39 0.75
N VAL A 6 -6.85 -0.20 0.52
CA VAL A 6 -5.91 -1.32 0.53
C VAL A 6 -5.22 -1.43 1.88
N ASN A 7 -4.96 -2.65 2.32
CA ASN A 7 -4.28 -2.88 3.59
C ASN A 7 -3.27 -4.02 3.43
N CYS A 8 -2.03 -3.78 3.86
CA CYS A 8 -1.00 -4.81 3.76
C CYS A 8 -0.69 -5.36 5.15
N GLY A 9 -0.41 -6.66 5.21
CA GLY A 9 -0.14 -7.30 6.51
C GLY A 9 1.04 -6.67 7.22
N GLY A 10 2.09 -6.34 6.46
CA GLY A 10 3.27 -5.72 7.05
C GLY A 10 2.98 -4.30 7.50
N VAL A 11 2.21 -3.57 6.70
CA VAL A 11 1.87 -2.19 7.03
C VAL A 11 0.51 -1.80 6.48
N PRO A 12 -0.13 -0.81 7.04
CA PRO A 12 -1.41 -0.34 6.49
C PRO A 12 -1.10 0.65 5.38
N CYS A 13 -1.59 0.37 4.18
CA CYS A 13 -1.31 1.25 3.06
C CYS A 13 -2.53 1.32 2.15
N LYS A 14 -3.18 2.48 2.11
CA LYS A 14 -4.37 2.66 1.29
C LYS A 14 -4.09 2.44 -0.19
N PHE A 15 -2.94 2.90 -0.66
CA PHE A 15 -2.59 2.74 -2.07
C PHE A 15 -1.08 2.75 -2.26
N GLY A 16 -0.56 1.77 -2.98
CA GLY A 16 0.88 1.69 -3.23
C GLY A 16 1.33 0.24 -3.37
N CYS A 17 2.64 0.03 -3.42
CA CYS A 17 3.18 -1.32 -3.55
C CYS A 17 3.68 -1.80 -2.19
N CYS A 18 3.27 -3.00 -1.80
CA CYS A 18 3.68 -3.53 -0.50
C CYS A 18 4.75 -4.61 -0.67
N ARG A 19 5.96 -4.29 -0.23
CA ARG A 19 7.09 -5.22 -0.31
C ARG A 19 7.90 -5.17 0.97
N GLU A 20 8.49 -6.31 1.34
CA GLU A 20 9.30 -6.37 2.56
C GLU A 20 8.53 -5.80 3.74
N ASP A 21 7.24 -6.12 3.80
CA ASP A 21 6.39 -5.63 4.89
C ASP A 21 6.41 -4.11 4.97
N ARG A 22 6.59 -3.46 3.83
CA ARG A 22 6.61 -1.99 3.78
C ARG A 22 5.86 -1.51 2.53
N CYS A 23 5.22 -0.36 2.63
CA CYS A 23 4.48 0.17 1.49
C CYS A 23 5.19 1.39 0.91
N ARG A 24 5.48 1.31 -0.39
CA ARG A 24 6.15 2.41 -1.08
C ARG A 24 5.30 2.91 -2.24
N GLU A 25 5.22 4.23 -2.38
CA GLU A 25 4.44 4.80 -3.47
C GLU A 25 5.34 5.69 -4.33
N ILE A 26 6.18 5.04 -5.14
CA ILE A 26 7.10 5.74 -6.04
C ILE A 26 8.09 4.75 -6.64
N ASP A 27 8.39 4.93 -7.93
CA ASP A 27 9.34 4.05 -8.60
C ASP A 27 8.97 2.58 -8.41
N CYS A 28 7.68 2.28 -8.50
CA CYS A 28 7.22 0.91 -8.35
C CYS A 28 6.98 0.26 -9.71
N ASP A 29 7.72 -0.81 -9.99
CA ASP A 29 7.58 -1.50 -11.27
C ASP A 29 6.72 -2.76 -11.10
N GLY A 1 -21.57 5.18 -4.23
CA GLY A 1 -21.10 3.95 -4.91
C GLY A 1 -20.54 2.98 -3.87
N ALA A 2 -19.22 2.99 -3.69
CA ALA A 2 -18.58 2.11 -2.72
C ALA A 2 -17.32 2.75 -2.17
N MET A 3 -16.95 2.35 -0.96
CA MET A 3 -15.75 2.89 -0.32
C MET A 3 -14.89 1.76 0.23
N GLY A 4 -13.57 1.96 0.20
CA GLY A 4 -12.65 0.95 0.70
C GLY A 4 -11.21 1.44 0.61
N ASN A 5 -10.27 0.59 1.00
CA ASN A 5 -8.86 0.96 0.96
C ASN A 5 -7.98 -0.29 0.87
N VAL A 6 -6.68 -0.08 0.77
CA VAL A 6 -5.74 -1.20 0.69
C VAL A 6 -5.07 -1.44 2.03
N ASN A 7 -4.81 -2.71 2.35
CA ASN A 7 -4.15 -3.04 3.61
C ASN A 7 -3.13 -4.15 3.37
N CYS A 8 -1.89 -3.93 3.80
CA CYS A 8 -0.85 -4.94 3.62
C CYS A 8 -0.54 -5.58 4.96
N GLY A 9 -0.26 -6.89 4.95
CA GLY A 9 0.02 -7.60 6.18
C GLY A 9 1.22 -7.02 6.92
N GLY A 10 2.24 -6.62 6.18
CA GLY A 10 3.43 -6.05 6.79
C GLY A 10 3.13 -4.66 7.36
N VAL A 11 2.34 -3.88 6.64
CA VAL A 11 2.00 -2.53 7.07
C VAL A 11 0.63 -2.11 6.55
N PRO A 12 -0.06 -1.24 7.24
CA PRO A 12 -1.34 -0.73 6.73
C PRO A 12 -1.04 0.36 5.73
N CYS A 13 -1.51 0.21 4.51
CA CYS A 13 -1.22 1.19 3.48
C CYS A 13 -2.43 1.38 2.57
N LYS A 14 -3.06 2.56 2.65
CA LYS A 14 -4.24 2.85 1.84
C LYS A 14 -3.95 2.69 0.36
N PHE A 15 -2.84 3.23 -0.11
CA PHE A 15 -2.48 3.12 -1.52
C PHE A 15 -0.97 3.19 -1.70
N GLY A 16 -0.43 2.24 -2.47
CA GLY A 16 1.00 2.18 -2.72
C GLY A 16 1.45 0.76 -3.04
N CYS A 17 2.75 0.55 -3.12
CA CYS A 17 3.29 -0.78 -3.41
C CYS A 17 3.80 -1.41 -2.12
N CYS A 18 3.33 -2.62 -1.81
CA CYS A 18 3.76 -3.29 -0.59
C CYS A 18 4.77 -4.39 -0.90
N ARG A 19 5.98 -4.23 -0.35
CA ARG A 19 7.04 -5.20 -0.55
C ARG A 19 8.00 -5.16 0.64
N GLU A 20 8.54 -6.31 1.02
CA GLU A 20 9.45 -6.37 2.16
C GLU A 20 8.79 -5.81 3.41
N ASP A 21 7.49 -6.10 3.55
CA ASP A 21 6.72 -5.63 4.71
C ASP A 21 6.77 -4.11 4.83
N ARG A 22 6.89 -3.43 3.70
CA ARG A 22 6.92 -1.97 3.69
C ARG A 22 6.07 -1.44 2.54
N CYS A 23 5.48 -0.27 2.72
CA CYS A 23 4.65 0.32 1.67
C CYS A 23 5.24 1.63 1.18
N ARG A 24 5.45 1.72 -0.14
CA ARG A 24 6.01 2.92 -0.73
C ARG A 24 5.02 3.54 -1.71
N GLU A 25 4.88 4.87 -1.66
CA GLU A 25 3.97 5.56 -2.55
C GLU A 25 4.72 6.61 -3.36
N ILE A 26 5.48 6.13 -4.35
CA ILE A 26 6.27 6.99 -5.22
C ILE A 26 7.19 6.16 -6.10
N ASP A 27 7.35 6.57 -7.35
CA ASP A 27 8.22 5.85 -8.28
C ASP A 27 7.86 4.37 -8.36
N CYS A 28 6.57 4.06 -8.26
CA CYS A 28 6.13 2.67 -8.33
C CYS A 28 4.82 2.56 -9.11
N ASP A 29 4.78 1.66 -10.07
CA ASP A 29 3.59 1.47 -10.89
C ASP A 29 2.99 0.09 -10.66
N GLY A 1 -18.51 11.06 -2.12
CA GLY A 1 -17.30 10.71 -2.94
C GLY A 1 -16.82 9.32 -2.56
N ALA A 2 -16.59 8.50 -3.57
CA ALA A 2 -16.11 7.13 -3.34
C ALA A 2 -14.73 7.15 -2.71
N MET A 3 -14.47 6.21 -1.80
CA MET A 3 -13.18 6.12 -1.14
C MET A 3 -12.91 4.69 -0.67
N GLY A 4 -11.64 4.40 -0.41
CA GLY A 4 -11.25 3.07 0.04
C GLY A 4 -9.76 3.01 0.34
N ASN A 5 -9.29 1.84 0.75
CA ASN A 5 -7.87 1.66 1.07
C ASN A 5 -7.46 0.20 0.95
N VAL A 6 -6.17 -0.06 1.16
CA VAL A 6 -5.65 -1.41 1.06
C VAL A 6 -4.88 -1.76 2.33
N ASN A 7 -5.04 -2.98 2.82
CA ASN A 7 -4.32 -3.37 4.03
C ASN A 7 -3.30 -4.46 3.73
N CYS A 8 -2.03 -4.09 3.79
CA CYS A 8 -0.96 -5.04 3.55
C CYS A 8 -0.57 -5.67 4.88
N GLY A 9 -0.13 -6.92 4.85
CA GLY A 9 0.22 -7.60 6.09
C GLY A 9 1.31 -6.84 6.85
N GLY A 10 2.30 -6.34 6.13
CA GLY A 10 3.38 -5.60 6.76
C GLY A 10 2.92 -4.24 7.28
N VAL A 11 2.10 -3.54 6.49
CA VAL A 11 1.62 -2.23 6.89
C VAL A 11 0.27 -1.88 6.28
N PRO A 12 -0.45 -0.95 6.88
CA PRO A 12 -1.72 -0.47 6.31
C PRO A 12 -1.37 0.55 5.24
N CYS A 13 -1.80 0.33 4.03
CA CYS A 13 -1.45 1.25 2.95
C CYS A 13 -2.65 1.59 2.06
N LYS A 14 -2.96 2.88 1.97
CA LYS A 14 -4.09 3.30 1.16
C LYS A 14 -3.90 2.90 -0.29
N PHE A 15 -2.68 3.05 -0.80
CA PHE A 15 -2.40 2.67 -2.18
C PHE A 15 -0.90 2.78 -2.47
N GLY A 16 -0.34 1.73 -3.05
CA GLY A 16 1.08 1.71 -3.38
C GLY A 16 1.59 0.29 -3.53
N CYS A 17 2.91 0.13 -3.55
CA CYS A 17 3.51 -1.19 -3.67
C CYS A 17 3.93 -1.70 -2.31
N CYS A 18 3.50 -2.91 -1.95
CA CYS A 18 3.85 -3.47 -0.65
C CYS A 18 4.93 -4.53 -0.80
N ARG A 19 6.14 -4.20 -0.31
CA ARG A 19 7.26 -5.12 -0.37
C ARG A 19 8.06 -5.05 0.93
N GLU A 20 8.70 -6.14 1.29
CA GLU A 20 9.48 -6.19 2.52
C GLU A 20 8.64 -5.71 3.70
N ASP A 21 7.37 -6.11 3.71
CA ASP A 21 6.46 -5.72 4.78
C ASP A 21 6.37 -4.20 4.91
N ARG A 22 6.58 -3.49 3.81
CA ARG A 22 6.51 -2.04 3.81
C ARG A 22 5.79 -1.55 2.55
N CYS A 23 5.08 -0.43 2.64
CA CYS A 23 4.37 0.10 1.48
C CYS A 23 4.99 1.40 1.00
N ARG A 24 5.33 1.44 -0.28
CA ARG A 24 5.93 2.64 -0.88
C ARG A 24 5.02 3.19 -1.97
N GLU A 25 4.77 4.49 -1.92
CA GLU A 25 3.94 5.12 -2.94
C GLU A 25 4.72 6.23 -3.61
N ILE A 26 5.66 5.84 -4.47
CA ILE A 26 6.50 6.79 -5.21
C ILE A 26 7.60 6.05 -5.95
N ASP A 27 7.72 6.30 -7.25
CA ASP A 27 8.76 5.67 -8.05
C ASP A 27 8.75 4.16 -7.87
N CYS A 28 7.56 3.56 -7.72
CA CYS A 28 7.48 2.11 -7.55
C CYS A 28 8.04 1.40 -8.77
N ASP A 29 7.62 1.83 -9.95
CA ASP A 29 8.10 1.22 -11.20
C ASP A 29 9.62 1.22 -11.24
N GLY A 1 -21.88 3.21 -1.63
CA GLY A 1 -20.75 2.25 -1.76
C GLY A 1 -19.45 2.94 -1.37
N ALA A 2 -18.91 2.57 -0.21
CA ALA A 2 -17.66 3.17 0.25
C ALA A 2 -16.51 2.80 -0.70
N MET A 3 -15.61 3.76 -0.92
CA MET A 3 -14.47 3.53 -1.79
C MET A 3 -13.58 2.43 -1.23
N GLY A 4 -13.40 2.43 0.10
CA GLY A 4 -12.57 1.43 0.74
C GLY A 4 -11.11 1.82 0.69
N ASN A 5 -10.24 0.91 1.12
CA ASN A 5 -8.81 1.17 1.11
C ASN A 5 -8.02 -0.13 1.03
N VAL A 6 -6.71 -0.01 0.92
CA VAL A 6 -5.84 -1.19 0.83
C VAL A 6 -5.15 -1.43 2.18
N ASN A 7 -4.93 -2.70 2.52
CA ASN A 7 -4.27 -3.03 3.77
C ASN A 7 -3.28 -4.18 3.54
N CYS A 8 -2.04 -3.98 3.96
CA CYS A 8 -1.03 -5.01 3.77
C CYS A 8 -0.74 -5.68 5.12
N GLY A 9 -0.45 -6.97 5.09
CA GLY A 9 -0.19 -7.70 6.32
C GLY A 9 0.99 -7.12 7.09
N GLY A 10 2.03 -6.73 6.37
CA GLY A 10 3.21 -6.16 7.02
C GLY A 10 2.92 -4.77 7.57
N VAL A 11 2.17 -3.98 6.81
CA VAL A 11 1.84 -2.62 7.24
C VAL A 11 0.49 -2.16 6.69
N PRO A 12 -0.15 -1.24 7.34
CA PRO A 12 -1.41 -0.69 6.81
C PRO A 12 -1.05 0.37 5.79
N CYS A 13 -1.53 0.20 4.57
CA CYS A 13 -1.21 1.14 3.52
C CYS A 13 -2.42 1.34 2.60
N LYS A 14 -3.00 2.54 2.63
CA LYS A 14 -4.18 2.85 1.83
C LYS A 14 -3.91 2.63 0.35
N PHE A 15 -2.78 3.12 -0.14
CA PHE A 15 -2.43 2.96 -1.54
C PHE A 15 -0.91 2.98 -1.72
N GLY A 16 -0.39 1.98 -2.44
CA GLY A 16 1.04 1.89 -2.69
C GLY A 16 1.45 0.44 -2.93
N CYS A 17 2.76 0.22 -3.02
CA CYS A 17 3.28 -1.12 -3.24
C CYS A 17 3.76 -1.72 -1.93
N CYS A 18 3.29 -2.92 -1.60
CA CYS A 18 3.70 -3.55 -0.35
C CYS A 18 4.74 -4.63 -0.59
N ARG A 19 5.97 -4.37 -0.14
CA ARG A 19 7.06 -5.33 -0.30
C ARG A 19 7.91 -5.37 0.97
N GLU A 20 8.46 -6.54 1.27
CA GLU A 20 9.30 -6.70 2.46
C GLU A 20 8.60 -6.12 3.69
N ASP A 21 7.31 -6.42 3.82
CA ASP A 21 6.53 -5.94 4.96
C ASP A 21 6.65 -4.42 5.10
N ARG A 22 6.75 -3.74 3.96
CA ARG A 22 6.86 -2.28 3.96
C ARG A 22 6.13 -1.71 2.75
N CYS A 23 5.33 -0.66 2.97
CA CYS A 23 4.59 -0.05 1.87
C CYS A 23 5.31 1.19 1.35
N ARG A 24 5.59 1.18 0.05
CA ARG A 24 6.26 2.31 -0.59
C ARG A 24 5.26 3.09 -1.43
N GLU A 25 5.36 4.41 -1.41
CA GLU A 25 4.48 5.26 -2.17
C GLU A 25 5.29 6.12 -3.10
N ILE A 26 5.03 5.91 -4.38
CA ILE A 26 5.71 6.60 -5.48
C ILE A 26 7.02 5.90 -5.82
N ASP A 27 7.47 6.08 -7.05
CA ASP A 27 8.70 5.42 -7.49
C ASP A 27 8.56 3.91 -7.37
N CYS A 28 7.41 3.40 -7.78
CA CYS A 28 7.15 1.96 -7.72
C CYS A 28 6.96 1.39 -9.11
N ASP A 29 7.75 0.39 -9.45
CA ASP A 29 7.66 -0.25 -10.76
C ASP A 29 6.64 -1.39 -10.73
N GLY A 1 -17.48 10.02 -6.74
CA GLY A 1 -17.81 8.87 -7.63
C GLY A 1 -17.30 7.58 -6.97
N ALA A 2 -16.83 6.65 -7.80
CA ALA A 2 -16.33 5.38 -7.29
C ALA A 2 -15.10 5.61 -6.42
N MET A 3 -14.97 4.81 -5.37
CA MET A 3 -13.83 4.94 -4.47
C MET A 3 -13.54 3.61 -3.77
N GLY A 4 -12.34 3.47 -3.23
CA GLY A 4 -11.95 2.25 -2.55
C GLY A 4 -10.54 2.36 -1.98
N ASN A 5 -10.09 1.30 -1.30
CA ASN A 5 -8.76 1.30 -0.72
C ASN A 5 -8.22 -0.12 -0.56
N VAL A 6 -6.95 -0.23 -0.21
CA VAL A 6 -6.31 -1.52 -0.02
C VAL A 6 -5.42 -1.46 1.21
N ASN A 7 -5.08 -2.62 1.77
CA ASN A 7 -4.23 -2.65 2.95
C ASN A 7 -3.23 -3.80 2.86
N CYS A 8 -2.12 -3.69 3.59
CA CYS A 8 -1.10 -4.73 3.56
C CYS A 8 -0.95 -5.33 4.95
N GLY A 9 -0.77 -6.64 5.02
CA GLY A 9 -0.64 -7.32 6.30
C GLY A 9 0.55 -6.78 7.08
N GLY A 10 1.64 -6.51 6.37
CA GLY A 10 2.83 -5.99 7.02
C GLY A 10 2.64 -4.55 7.51
N VAL A 11 1.96 -3.74 6.68
CA VAL A 11 1.72 -2.34 7.04
C VAL A 11 0.39 -1.83 6.51
N PRO A 12 -0.15 -0.79 7.12
CA PRO A 12 -1.38 -0.18 6.62
C PRO A 12 -1.03 0.78 5.50
N CYS A 13 -1.58 0.56 4.33
CA CYS A 13 -1.29 1.42 3.20
C CYS A 13 -2.47 1.47 2.24
N LYS A 14 -3.13 2.62 2.16
CA LYS A 14 -4.30 2.78 1.30
C LYS A 14 -3.95 2.53 -0.18
N PHE A 15 -2.80 3.01 -0.61
CA PHE A 15 -2.39 2.82 -1.99
C PHE A 15 -0.87 2.85 -2.13
N GLY A 16 -0.34 1.89 -2.88
CA GLY A 16 1.11 1.82 -3.08
C GLY A 16 1.56 0.37 -3.23
N CYS A 17 2.87 0.16 -3.23
CA CYS A 17 3.42 -1.18 -3.36
C CYS A 17 3.86 -1.68 -1.99
N CYS A 18 3.43 -2.88 -1.62
CA CYS A 18 3.80 -3.43 -0.32
C CYS A 18 4.88 -4.50 -0.46
N ARG A 19 6.07 -4.19 0.03
CA ARG A 19 7.19 -5.12 -0.04
C ARG A 19 8.01 -5.06 1.26
N GLU A 20 8.60 -6.18 1.64
CA GLU A 20 9.41 -6.22 2.85
C GLU A 20 8.64 -5.64 4.04
N ASP A 21 7.35 -5.97 4.11
CA ASP A 21 6.49 -5.50 5.19
C ASP A 21 6.44 -3.97 5.27
N ARG A 22 6.70 -3.31 4.14
CA ARG A 22 6.65 -1.85 4.11
C ARG A 22 5.98 -1.38 2.82
N CYS A 23 5.23 -0.29 2.91
CA CYS A 23 4.54 0.24 1.74
C CYS A 23 5.26 1.46 1.17
N ARG A 24 5.63 1.38 -0.10
CA ARG A 24 6.32 2.48 -0.77
C ARG A 24 5.50 2.98 -1.95
N GLU A 25 5.38 4.29 -2.07
CA GLU A 25 4.62 4.86 -3.18
C GLU A 25 5.51 5.79 -4.01
N ILE A 26 6.39 5.19 -4.80
CA ILE A 26 7.32 5.93 -5.66
C ILE A 26 8.32 4.97 -6.29
N ASP A 27 8.64 5.18 -7.55
CA ASP A 27 9.60 4.33 -8.25
C ASP A 27 9.23 2.86 -8.11
N CYS A 28 7.95 2.54 -8.24
CA CYS A 28 7.49 1.17 -8.13
C CYS A 28 7.08 0.63 -9.49
N ASP A 29 7.69 -0.47 -9.89
CA ASP A 29 7.38 -1.08 -11.18
C ASP A 29 6.53 -2.34 -10.98
N GLY A 1 -17.41 2.03 -10.72
CA GLY A 1 -17.27 0.86 -9.82
C GLY A 1 -16.60 1.27 -8.52
N ALA A 2 -16.13 0.29 -7.77
CA ALA A 2 -15.46 0.57 -6.50
C ALA A 2 -14.46 -0.52 -6.16
N MET A 3 -13.42 -0.16 -5.42
CA MET A 3 -12.39 -1.13 -5.05
C MET A 3 -12.09 -1.04 -3.55
N GLY A 4 -11.70 -2.16 -2.96
CA GLY A 4 -11.38 -2.20 -1.54
C GLY A 4 -10.07 -1.48 -1.26
N ASN A 5 -9.88 -1.08 -0.01
CA ASN A 5 -8.66 -0.37 0.38
C ASN A 5 -7.47 -1.33 0.37
N VAL A 6 -6.32 -0.83 -0.10
CA VAL A 6 -5.12 -1.65 -0.15
C VAL A 6 -4.50 -1.80 1.24
N ASN A 7 -3.89 -2.94 1.51
CA ASN A 7 -3.27 -3.16 2.81
C ASN A 7 -1.94 -3.90 2.65
N CYS A 8 -0.93 -3.44 3.38
CA CYS A 8 0.39 -4.07 3.33
C CYS A 8 0.69 -4.72 4.68
N GLY A 9 1.40 -5.83 4.66
CA GLY A 9 1.70 -6.55 5.89
C GLY A 9 2.45 -5.68 6.90
N GLY A 10 3.39 -4.89 6.43
CA GLY A 10 4.16 -4.02 7.33
C GLY A 10 3.30 -2.89 7.88
N VAL A 11 2.48 -2.29 7.03
CA VAL A 11 1.63 -1.19 7.43
C VAL A 11 0.38 -1.09 6.59
N PRO A 12 -0.62 -0.39 7.06
CA PRO A 12 -1.84 -0.18 6.26
C PRO A 12 -1.64 0.98 5.31
N CYS A 13 -1.81 0.71 4.03
CA CYS A 13 -1.62 1.71 3.00
C CYS A 13 -2.79 1.67 2.01
N LYS A 14 -3.62 2.70 2.01
CA LYS A 14 -4.79 2.72 1.13
C LYS A 14 -4.37 2.59 -0.33
N PHE A 15 -3.30 3.26 -0.71
CA PHE A 15 -2.82 3.17 -2.09
C PHE A 15 -1.31 3.30 -2.14
N GLY A 16 -0.65 2.26 -2.65
CA GLY A 16 0.80 2.25 -2.77
C GLY A 16 1.30 0.85 -3.11
N CYS A 17 2.61 0.66 -3.05
CA CYS A 17 3.19 -0.63 -3.36
C CYS A 17 3.64 -1.35 -2.10
N CYS A 18 3.19 -2.59 -1.93
CA CYS A 18 3.55 -3.39 -0.76
C CYS A 18 4.59 -4.44 -1.15
N ARG A 19 5.79 -4.30 -0.60
CA ARG A 19 6.86 -5.24 -0.90
C ARG A 19 7.76 -5.43 0.32
N GLU A 20 8.14 -6.67 0.58
CA GLU A 20 8.99 -6.99 1.71
C GLU A 20 8.43 -6.37 2.99
N ASP A 21 7.11 -6.48 3.16
CA ASP A 21 6.45 -5.94 4.34
C ASP A 21 6.72 -4.44 4.50
N ARG A 22 6.73 -3.72 3.37
CA ARG A 22 6.96 -2.29 3.41
C ARG A 22 6.03 -1.57 2.42
N CYS A 23 5.58 -0.37 2.80
CA CYS A 23 4.70 0.41 1.94
C CYS A 23 5.45 1.60 1.35
N ARG A 24 5.43 1.71 0.03
CA ARG A 24 6.11 2.81 -0.65
C ARG A 24 5.11 3.68 -1.38
N GLU A 25 5.27 4.99 -1.23
CA GLU A 25 4.36 5.93 -1.88
C GLU A 25 5.13 6.81 -2.86
N ILE A 26 5.50 6.23 -4.00
CA ILE A 26 6.23 6.95 -5.04
C ILE A 26 6.57 5.99 -6.18
N ASP A 27 6.42 6.45 -7.41
CA ASP A 27 6.70 5.60 -8.56
C ASP A 27 5.94 4.29 -8.45
N CYS A 28 4.78 4.35 -7.81
CA CYS A 28 3.95 3.17 -7.62
C CYS A 28 2.57 3.36 -8.24
N ASP A 29 2.17 2.42 -9.09
CA ASP A 29 0.87 2.50 -9.76
C ASP A 29 0.11 1.20 -9.55
N GLY A 1 -13.09 4.55 5.18
CA GLY A 1 -12.16 3.84 4.27
C GLY A 1 -12.14 4.54 2.91
N ALA A 2 -10.94 4.88 2.45
CA ALA A 2 -10.80 5.55 1.16
C ALA A 2 -11.21 4.62 0.01
N MET A 3 -11.85 5.18 -1.00
CA MET A 3 -12.28 4.41 -2.15
C MET A 3 -11.08 3.94 -2.96
N GLY A 4 -11.03 2.65 -3.27
CA GLY A 4 -9.92 2.12 -4.05
C GLY A 4 -8.69 1.84 -3.20
N ASN A 5 -8.81 2.00 -1.89
CA ASN A 5 -7.68 1.75 -1.00
C ASN A 5 -7.49 0.26 -0.78
N VAL A 6 -6.33 -0.12 -0.27
CA VAL A 6 -6.04 -1.52 -0.01
C VAL A 6 -4.92 -1.67 1.02
N ASN A 7 -5.21 -2.40 2.08
CA ASN A 7 -4.24 -2.63 3.13
C ASN A 7 -3.37 -3.84 2.81
N CYS A 8 -2.09 -3.72 3.08
CA CYS A 8 -1.16 -4.81 2.83
C CYS A 8 -1.04 -5.66 4.09
N GLY A 9 -0.92 -6.97 3.91
CA GLY A 9 -0.82 -7.86 5.06
C GLY A 9 0.38 -7.50 5.92
N GLY A 10 1.50 -7.17 5.27
CA GLY A 10 2.71 -6.80 6.00
C GLY A 10 2.56 -5.44 6.68
N VAL A 11 1.94 -4.49 6.00
CA VAL A 11 1.76 -3.15 6.56
C VAL A 11 0.41 -2.54 6.19
N PRO A 12 -0.11 -1.65 7.00
CA PRO A 12 -1.36 -0.95 6.67
C PRO A 12 -1.03 0.20 5.74
N CYS A 13 -1.63 0.21 4.57
CA CYS A 13 -1.34 1.25 3.60
C CYS A 13 -2.59 1.59 2.79
N LYS A 14 -2.91 2.88 2.68
CA LYS A 14 -4.09 3.28 1.92
C LYS A 14 -3.96 2.91 0.44
N PHE A 15 -2.78 3.12 -0.12
CA PHE A 15 -2.56 2.79 -1.52
C PHE A 15 -1.09 2.97 -1.90
N GLY A 16 -0.55 1.99 -2.61
CA GLY A 16 0.84 2.04 -3.04
C GLY A 16 1.38 0.63 -3.31
N CYS A 17 2.70 0.53 -3.43
CA CYS A 17 3.33 -0.76 -3.68
C CYS A 17 3.76 -1.39 -2.36
N CYS A 18 3.41 -2.65 -2.15
CA CYS A 18 3.76 -3.33 -0.92
C CYS A 18 4.89 -4.34 -1.16
N ARG A 19 6.03 -4.09 -0.53
CA ARG A 19 7.18 -4.96 -0.67
C ARG A 19 7.97 -5.03 0.64
N GLU A 20 8.44 -6.23 0.99
CA GLU A 20 9.21 -6.41 2.23
C GLU A 20 8.44 -5.84 3.43
N ASP A 21 7.16 -6.12 3.49
CA ASP A 21 6.33 -5.65 4.60
C ASP A 21 6.39 -4.13 4.73
N ARG A 22 6.53 -3.45 3.60
CA ARG A 22 6.59 -1.99 3.60
C ARG A 22 5.76 -1.44 2.44
N CYS A 23 5.16 -0.27 2.63
CA CYS A 23 4.36 0.34 1.57
C CYS A 23 4.92 1.70 1.16
N ARG A 24 5.15 1.86 -0.14
CA ARG A 24 5.68 3.12 -0.67
C ARG A 24 4.80 3.62 -1.81
N GLU A 25 4.52 4.91 -1.81
CA GLU A 25 3.71 5.49 -2.89
C GLU A 25 4.47 6.63 -3.55
N ILE A 26 5.45 6.26 -4.36
CA ILE A 26 6.29 7.23 -5.09
C ILE A 26 7.49 6.50 -5.70
N ASP A 27 7.74 6.78 -6.98
CA ASP A 27 8.87 6.15 -7.68
C ASP A 27 8.79 4.63 -7.61
N CYS A 28 7.58 4.10 -7.47
CA CYS A 28 7.39 2.65 -7.40
C CYS A 28 7.89 1.99 -8.69
N ASP A 29 7.46 2.52 -9.82
CA ASP A 29 7.86 1.98 -11.11
C ASP A 29 8.50 3.05 -11.98
N GLY A 1 -16.47 12.50 -0.87
CA GLY A 1 -16.92 11.08 -0.91
C GLY A 1 -15.97 10.22 -0.07
N ALA A 2 -16.46 9.07 0.36
CA ALA A 2 -15.65 8.17 1.18
C ALA A 2 -14.46 7.65 0.36
N MET A 3 -13.31 7.50 1.02
CA MET A 3 -12.12 7.02 0.34
C MET A 3 -11.74 5.63 0.86
N GLY A 4 -11.56 4.69 -0.07
CA GLY A 4 -11.19 3.32 0.30
C GLY A 4 -9.69 3.22 0.57
N ASN A 5 -9.26 2.03 0.96
CA ASN A 5 -7.84 1.81 1.25
C ASN A 5 -7.48 0.34 1.08
N VAL A 6 -6.19 0.03 1.26
CA VAL A 6 -5.71 -1.34 1.14
C VAL A 6 -4.95 -1.73 2.39
N ASN A 7 -5.14 -2.95 2.86
CA ASN A 7 -4.45 -3.38 4.06
C ASN A 7 -3.45 -4.50 3.74
N CYS A 8 -2.17 -4.17 3.78
CA CYS A 8 -1.13 -5.16 3.52
C CYS A 8 -0.77 -5.84 4.84
N GLY A 9 -0.37 -7.09 4.77
CA GLY A 9 -0.05 -7.83 6.00
C GLY A 9 1.06 -7.12 6.77
N GLY A 10 2.06 -6.63 6.07
CA GLY A 10 3.18 -5.94 6.73
C GLY A 10 2.75 -4.58 7.27
N VAL A 11 1.95 -3.83 6.51
CA VAL A 11 1.52 -2.51 6.94
C VAL A 11 0.17 -2.11 6.34
N PRO A 12 -0.51 -1.17 6.95
CA PRO A 12 -1.75 -0.63 6.39
C PRO A 12 -1.37 0.41 5.35
N CYS A 13 -1.81 0.23 4.12
CA CYS A 13 -1.41 1.15 3.05
C CYS A 13 -2.60 1.57 2.18
N LYS A 14 -2.86 2.87 2.12
CA LYS A 14 -3.99 3.35 1.32
C LYS A 14 -3.81 2.95 -0.15
N PHE A 15 -2.60 3.08 -0.66
CA PHE A 15 -2.33 2.72 -2.05
C PHE A 15 -0.83 2.78 -2.35
N GLY A 16 -0.32 1.73 -2.96
CA GLY A 16 1.11 1.67 -3.30
C GLY A 16 1.55 0.22 -3.46
N CYS A 17 2.87 0.02 -3.49
CA CYS A 17 3.42 -1.32 -3.63
C CYS A 17 3.84 -1.85 -2.27
N CYS A 18 3.39 -3.05 -1.91
CA CYS A 18 3.73 -3.63 -0.61
C CYS A 18 4.78 -4.72 -0.78
N ARG A 19 6.00 -4.43 -0.33
CA ARG A 19 7.10 -5.39 -0.41
C ARG A 19 7.92 -5.37 0.87
N GLU A 20 8.52 -6.51 1.21
CA GLU A 20 9.33 -6.60 2.42
C GLU A 20 8.55 -6.06 3.62
N ASP A 21 7.27 -6.40 3.68
CA ASP A 21 6.41 -5.96 4.77
C ASP A 21 6.46 -4.44 4.91
N ARG A 22 6.55 -3.75 3.78
CA ARG A 22 6.59 -2.29 3.78
C ARG A 22 5.90 -1.76 2.52
N CYS A 23 5.05 -0.74 2.69
CA CYS A 23 4.35 -0.17 1.55
C CYS A 23 5.02 1.12 1.09
N ARG A 24 5.42 1.15 -0.18
CA ARG A 24 6.06 2.33 -0.75
C ARG A 24 5.28 2.83 -1.94
N GLU A 25 5.08 4.15 -2.02
CA GLU A 25 4.36 4.73 -3.14
C GLU A 25 5.24 5.71 -3.90
N ILE A 26 6.18 5.17 -4.67
CA ILE A 26 7.11 5.97 -5.46
C ILE A 26 8.20 5.08 -6.07
N ASP A 27 8.55 5.34 -7.31
CA ASP A 27 9.58 4.57 -7.99
C ASP A 27 9.28 3.08 -7.93
N CYS A 28 8.00 2.73 -8.07
CA CYS A 28 7.61 1.32 -8.04
C CYS A 28 7.40 0.80 -9.45
N ASP A 29 8.15 -0.23 -9.83
CA ASP A 29 8.03 -0.81 -11.15
C ASP A 29 7.94 -2.33 -11.07
N GLY A 1 -16.96 12.50 -2.78
CA GLY A 1 -15.49 12.30 -2.65
C GLY A 1 -15.21 10.86 -2.22
N ALA A 2 -15.03 9.99 -3.21
CA ALA A 2 -14.75 8.58 -2.92
C ALA A 2 -13.42 8.44 -2.19
N MET A 3 -13.36 7.49 -1.26
CA MET A 3 -12.14 7.27 -0.49
C MET A 3 -12.06 5.82 -0.02
N GLY A 4 -10.86 5.38 0.32
CA GLY A 4 -10.65 4.02 0.80
C GLY A 4 -9.18 3.77 1.12
N ASN A 5 -8.85 2.54 1.49
CA ASN A 5 -7.48 2.19 1.83
C ASN A 5 -7.22 0.70 1.64
N VAL A 6 -5.97 0.30 1.80
CA VAL A 6 -5.61 -1.11 1.65
C VAL A 6 -4.82 -1.58 2.87
N ASN A 7 -5.14 -2.75 3.35
CA ASN A 7 -4.46 -3.29 4.51
C ASN A 7 -3.50 -4.39 4.12
N CYS A 8 -2.22 -4.05 3.98
CA CYS A 8 -1.20 -5.02 3.63
C CYS A 8 -0.81 -5.75 4.90
N GLY A 9 -0.40 -7.01 4.78
CA GLY A 9 -0.05 -7.79 5.96
C GLY A 9 1.10 -7.12 6.72
N GLY A 10 2.07 -6.60 5.99
CA GLY A 10 3.21 -5.94 6.63
C GLY A 10 2.81 -4.60 7.25
N VAL A 11 2.01 -3.82 6.54
CA VAL A 11 1.59 -2.50 7.04
C VAL A 11 0.25 -2.06 6.49
N PRO A 12 -0.41 -1.15 7.15
CA PRO A 12 -1.66 -0.57 6.64
C PRO A 12 -1.28 0.50 5.63
N CYS A 13 -1.76 0.37 4.40
CA CYS A 13 -1.36 1.33 3.37
C CYS A 13 -2.56 1.75 2.52
N LYS A 14 -2.81 3.05 2.45
CA LYS A 14 -3.93 3.57 1.67
C LYS A 14 -3.81 3.13 0.21
N PHE A 15 -2.63 3.31 -0.36
CA PHE A 15 -2.39 2.91 -1.74
C PHE A 15 -0.92 3.00 -2.09
N GLY A 16 -0.38 1.94 -2.70
CA GLY A 16 1.02 1.91 -3.08
C GLY A 16 1.50 0.48 -3.27
N CYS A 17 2.81 0.30 -3.31
CA CYS A 17 3.39 -1.03 -3.49
C CYS A 17 3.78 -1.61 -2.13
N CYS A 18 3.32 -2.82 -1.84
CA CYS A 18 3.64 -3.44 -0.57
C CYS A 18 4.70 -4.53 -0.75
N ARG A 19 5.91 -4.26 -0.30
CA ARG A 19 7.01 -5.22 -0.41
C ARG A 19 7.86 -5.19 0.85
N GLU A 20 8.51 -6.30 1.15
CA GLU A 20 9.36 -6.38 2.33
C GLU A 20 8.59 -5.93 3.57
N ASP A 21 7.32 -6.32 3.64
CA ASP A 21 6.47 -5.96 4.78
C ASP A 21 6.38 -4.45 4.97
N ARG A 22 6.59 -3.70 3.89
CA ARG A 22 6.50 -2.24 3.96
C ARG A 22 5.81 -1.69 2.71
N CYS A 23 5.07 -0.60 2.87
CA CYS A 23 4.37 -0.01 1.75
C CYS A 23 5.04 1.29 1.29
N ARG A 24 5.38 1.34 0.00
CA ARG A 24 6.03 2.52 -0.57
C ARG A 24 5.14 3.16 -1.61
N GLU A 25 5.02 4.48 -1.56
CA GLU A 25 4.21 5.20 -2.53
C GLU A 25 5.07 6.22 -3.28
N ILE A 26 5.88 5.71 -4.20
CA ILE A 26 6.77 6.55 -5.01
C ILE A 26 7.72 5.69 -5.82
N ASP A 27 7.98 6.09 -7.05
CA ASP A 27 8.89 5.35 -7.92
C ASP A 27 8.52 3.88 -8.01
N CYS A 28 7.22 3.60 -8.09
CA CYS A 28 6.76 2.22 -8.19
C CYS A 28 5.55 2.12 -9.11
N ASP A 29 5.60 1.21 -10.07
CA ASP A 29 4.50 1.03 -11.01
C ASP A 29 4.00 -0.40 -10.99
N GLY A 1 -17.19 12.05 -3.80
CA GLY A 1 -16.18 11.10 -4.32
C GLY A 1 -16.28 9.79 -3.55
N ALA A 2 -15.13 9.18 -3.27
CA ALA A 2 -15.12 7.91 -2.54
C ALA A 2 -13.85 7.79 -1.69
N MET A 3 -13.94 7.05 -0.60
CA MET A 3 -12.80 6.86 0.28
C MET A 3 -12.57 5.38 0.57
N GLY A 4 -11.30 5.02 0.74
CA GLY A 4 -10.96 3.63 1.03
C GLY A 4 -9.45 3.48 1.27
N ASN A 5 -9.03 2.26 1.55
CA ASN A 5 -7.61 2.00 1.80
C ASN A 5 -7.27 0.53 1.53
N VAL A 6 -5.99 0.20 1.65
CA VAL A 6 -5.53 -1.16 1.42
C VAL A 6 -4.71 -1.64 2.61
N ASN A 7 -4.88 -2.88 3.00
CA ASN A 7 -4.13 -3.40 4.13
C ASN A 7 -3.17 -4.50 3.70
N CYS A 8 -1.88 -4.17 3.65
CA CYS A 8 -0.88 -5.15 3.28
C CYS A 8 -0.45 -5.92 4.52
N GLY A 9 -0.09 -7.17 4.36
CA GLY A 9 0.29 -7.99 5.51
C GLY A 9 1.47 -7.36 6.25
N GLY A 10 2.43 -6.85 5.48
CA GLY A 10 3.60 -6.22 6.08
C GLY A 10 3.25 -4.88 6.75
N VAL A 11 2.42 -4.09 6.09
CA VAL A 11 2.05 -2.77 6.64
C VAL A 11 0.67 -2.31 6.18
N PRO A 12 0.05 -1.42 6.91
CA PRO A 12 -1.24 -0.83 6.48
C PRO A 12 -0.91 0.27 5.50
N CYS A 13 -1.44 0.18 4.29
CA CYS A 13 -1.11 1.18 3.27
C CYS A 13 -2.34 1.65 2.50
N LYS A 14 -2.62 2.95 2.54
CA LYS A 14 -3.77 3.49 1.85
C LYS A 14 -3.69 3.16 0.35
N PHE A 15 -2.52 3.41 -0.24
CA PHE A 15 -2.34 3.11 -1.65
C PHE A 15 -0.87 3.21 -2.04
N GLY A 16 -0.38 2.17 -2.72
CA GLY A 16 1.02 2.15 -3.14
C GLY A 16 1.48 0.71 -3.39
N CYS A 17 2.79 0.53 -3.55
CA CYS A 17 3.34 -0.80 -3.78
C CYS A 17 3.82 -1.41 -2.47
N CYS A 18 3.39 -2.62 -2.18
CA CYS A 18 3.79 -3.30 -0.95
C CYS A 18 4.86 -4.34 -1.22
N ARG A 19 6.05 -4.13 -0.67
CA ARG A 19 7.16 -5.05 -0.86
C ARG A 19 8.16 -4.90 0.29
N GLU A 20 8.85 -5.99 0.63
CA GLU A 20 9.82 -5.95 1.72
C GLU A 20 9.15 -5.51 3.01
N ASP A 21 7.92 -5.96 3.21
CA ASP A 21 7.15 -5.63 4.41
C ASP A 21 7.03 -4.11 4.57
N ARG A 22 7.10 -3.39 3.46
CA ARG A 22 6.98 -1.94 3.50
C ARG A 22 6.14 -1.45 2.31
N CYS A 23 5.45 -0.33 2.49
CA CYS A 23 4.63 0.20 1.41
C CYS A 23 5.10 1.59 1.00
N ARG A 24 5.36 1.75 -0.30
CA ARG A 24 5.83 3.03 -0.83
C ARG A 24 4.92 3.49 -1.96
N GLU A 25 4.49 4.75 -1.90
CA GLU A 25 3.63 5.30 -2.94
C GLU A 25 4.40 6.34 -3.74
N ILE A 26 5.31 5.85 -4.60
CA ILE A 26 6.15 6.71 -5.44
C ILE A 26 7.24 5.86 -6.10
N ASP A 27 7.64 6.26 -7.30
CA ASP A 27 8.69 5.52 -8.01
C ASP A 27 8.31 4.06 -8.16
N CYS A 28 7.03 3.80 -8.40
CA CYS A 28 6.56 2.43 -8.58
C CYS A 28 5.43 2.38 -9.61
N ASP A 29 5.55 1.47 -10.56
CA ASP A 29 4.53 1.34 -11.61
C ASP A 29 4.86 0.14 -12.50
N GLY A 1 -16.77 6.13 -4.37
CA GLY A 1 -17.56 5.28 -3.42
C GLY A 1 -16.61 4.42 -2.60
N ALA A 2 -15.84 3.58 -3.28
CA ALA A 2 -14.89 2.71 -2.60
C ALA A 2 -13.81 3.53 -1.90
N MET A 3 -13.40 3.08 -0.72
CA MET A 3 -12.36 3.79 0.03
C MET A 3 -11.05 3.78 -0.74
N GLY A 4 -10.74 2.66 -1.37
CA GLY A 4 -9.51 2.53 -2.14
C GLY A 4 -8.31 2.22 -1.27
N ASN A 5 -8.54 2.06 0.02
CA ASN A 5 -7.47 1.75 0.96
C ASN A 5 -7.01 0.31 0.79
N VAL A 6 -5.70 0.08 0.93
CA VAL A 6 -5.14 -1.26 0.78
C VAL A 6 -4.54 -1.74 2.10
N ASN A 7 -4.71 -3.01 2.41
CA ASN A 7 -4.16 -3.56 3.63
C ASN A 7 -3.21 -4.70 3.35
N CYS A 8 -1.91 -4.45 3.52
CA CYS A 8 -0.90 -5.48 3.30
C CYS A 8 -0.69 -6.24 4.61
N GLY A 9 -0.38 -7.53 4.50
CA GLY A 9 -0.19 -8.34 5.69
C GLY A 9 0.89 -7.78 6.61
N GLY A 10 1.97 -7.29 6.03
CA GLY A 10 3.04 -6.72 6.84
C GLY A 10 2.63 -5.39 7.47
N VAL A 11 1.99 -4.53 6.69
CA VAL A 11 1.55 -3.23 7.20
C VAL A 11 0.33 -2.70 6.46
N PRO A 12 -0.33 -1.72 7.01
CA PRO A 12 -1.47 -1.10 6.32
C PRO A 12 -0.96 -0.05 5.33
N CYS A 13 -1.31 -0.22 4.07
CA CYS A 13 -0.86 0.69 3.02
C CYS A 13 -2.05 1.43 2.41
N LYS A 14 -2.12 2.74 2.62
CA LYS A 14 -3.24 3.50 2.08
C LYS A 14 -3.38 3.23 0.59
N PHE A 15 -2.28 3.36 -0.15
CA PHE A 15 -2.28 3.10 -1.57
C PHE A 15 -0.85 3.11 -2.10
N GLY A 16 -0.29 1.93 -2.30
CA GLY A 16 1.08 1.82 -2.79
C GLY A 16 1.48 0.36 -2.97
N CYS A 17 2.79 0.12 -3.04
CA CYS A 17 3.31 -1.23 -3.21
C CYS A 17 3.80 -1.78 -1.88
N CYS A 18 3.43 -3.03 -1.57
CA CYS A 18 3.85 -3.64 -0.32
C CYS A 18 5.01 -4.61 -0.57
N ARG A 19 6.19 -4.25 -0.09
CA ARG A 19 7.36 -5.10 -0.26
C ARG A 19 8.19 -5.13 1.02
N GLU A 20 8.83 -6.27 1.30
CA GLU A 20 9.66 -6.42 2.49
C GLU A 20 8.94 -5.90 3.73
N ASP A 21 7.66 -6.23 3.86
CA ASP A 21 6.89 -5.79 5.01
C ASP A 21 6.94 -4.27 5.13
N ARG A 22 6.85 -3.59 4.00
CA ARG A 22 6.89 -2.13 3.99
C ARG A 22 5.98 -1.56 2.91
N CYS A 23 5.19 -0.56 3.28
CA CYS A 23 4.28 0.07 2.33
C CYS A 23 4.95 1.30 1.70
N ARG A 24 5.24 1.20 0.40
CA ARG A 24 5.88 2.29 -0.32
C ARG A 24 4.90 2.98 -1.25
N GLU A 25 4.86 4.31 -1.17
CA GLU A 25 3.99 5.08 -2.05
C GLU A 25 4.81 6.07 -2.85
N ILE A 26 5.53 5.56 -3.85
CA ILE A 26 6.37 6.40 -4.70
C ILE A 26 7.09 5.56 -5.75
N ASP A 27 7.18 6.09 -6.96
CA ASP A 27 7.86 5.40 -8.06
C ASP A 27 7.41 3.94 -8.17
N CYS A 28 6.20 3.64 -7.73
CA CYS A 28 5.68 2.28 -7.83
C CYS A 28 4.17 2.28 -7.98
N ASP A 29 3.68 1.50 -8.94
CA ASP A 29 2.25 1.43 -9.20
C ASP A 29 1.78 -0.03 -9.12
N GLY A 1 -21.07 5.19 -1.29
CA GLY A 1 -20.74 3.79 -1.69
C GLY A 1 -19.34 3.75 -2.28
N ALA A 2 -18.89 2.57 -2.66
CA ALA A 2 -17.56 2.41 -3.24
C ALA A 2 -16.49 2.97 -2.31
N MET A 3 -16.67 2.75 -1.01
CA MET A 3 -15.72 3.24 -0.02
C MET A 3 -14.90 2.08 0.53
N GLY A 4 -13.57 2.22 0.48
CA GLY A 4 -12.69 1.17 0.98
C GLY A 4 -11.23 1.60 0.86
N ASN A 5 -10.33 0.72 1.27
CA ASN A 5 -8.90 1.01 1.20
C ASN A 5 -8.07 -0.26 1.13
N VAL A 6 -6.76 -0.10 1.02
CA VAL A 6 -5.86 -1.24 0.95
C VAL A 6 -5.15 -1.45 2.28
N ASN A 7 -4.91 -2.71 2.64
CA ASN A 7 -4.22 -3.01 3.89
C ASN A 7 -3.23 -4.15 3.66
N CYS A 8 -1.97 -3.92 4.01
CA CYS A 8 -0.95 -4.94 3.83
C CYS A 8 -0.60 -5.57 5.19
N GLY A 9 -0.35 -6.87 5.19
CA GLY A 9 -0.05 -7.58 6.43
C GLY A 9 1.18 -6.99 7.13
N GLY A 10 2.19 -6.62 6.35
CA GLY A 10 3.40 -6.04 6.92
C GLY A 10 3.12 -4.64 7.47
N VAL A 11 2.32 -3.87 6.74
CA VAL A 11 2.00 -2.52 7.17
C VAL A 11 0.63 -2.08 6.67
N PRO A 12 -0.01 -1.15 7.32
CA PRO A 12 -1.29 -0.63 6.82
C PRO A 12 -0.99 0.43 5.77
N CYS A 13 -1.50 0.23 4.57
CA CYS A 13 -1.23 1.18 3.49
C CYS A 13 -2.46 1.34 2.60
N LYS A 14 -3.05 2.54 2.64
CA LYS A 14 -4.25 2.81 1.85
C LYS A 14 -4.01 2.58 0.37
N PHE A 15 -2.88 3.07 -0.14
CA PHE A 15 -2.56 2.88 -1.55
C PHE A 15 -1.05 2.91 -1.78
N GLY A 16 -0.56 1.94 -2.55
CA GLY A 16 0.87 1.85 -2.84
C GLY A 16 1.29 0.40 -3.07
N CYS A 17 2.61 0.20 -3.14
CA CYS A 17 3.14 -1.15 -3.36
C CYS A 17 3.66 -1.72 -2.04
N CYS A 18 3.24 -2.94 -1.72
CA CYS A 18 3.67 -3.56 -0.48
C CYS A 18 4.72 -4.63 -0.73
N ARG A 19 5.95 -4.36 -0.29
CA ARG A 19 7.06 -5.30 -0.44
C ARG A 19 7.91 -5.31 0.82
N GLU A 20 8.52 -6.45 1.13
CA GLU A 20 9.36 -6.56 2.31
C GLU A 20 8.61 -6.04 3.54
N ASP A 21 7.32 -6.35 3.60
CA ASP A 21 6.49 -5.92 4.72
C ASP A 21 6.50 -4.41 4.88
N ARG A 22 6.68 -3.70 3.78
CA ARG A 22 6.70 -2.23 3.80
C ARG A 22 5.93 -1.67 2.62
N CYS A 23 5.29 -0.52 2.81
CA CYS A 23 4.52 0.09 1.73
C CYS A 23 5.25 1.31 1.16
N ARG A 24 5.50 1.27 -0.14
CA ARG A 24 6.18 2.37 -0.82
C ARG A 24 5.30 2.92 -1.94
N GLU A 25 5.23 4.24 -2.05
CA GLU A 25 4.43 4.88 -3.09
C GLU A 25 5.31 5.80 -3.93
N ILE A 26 6.13 5.20 -4.79
CA ILE A 26 7.03 5.94 -5.67
C ILE A 26 7.96 4.98 -6.40
N ASP A 27 8.20 5.26 -7.67
CA ASP A 27 9.08 4.42 -8.47
C ASP A 27 8.62 2.97 -8.45
N CYS A 28 7.31 2.76 -8.44
CA CYS A 28 6.75 1.41 -8.42
C CYS A 28 5.86 1.20 -9.65
N ASP A 29 6.13 0.14 -10.39
CA ASP A 29 5.35 -0.17 -11.58
C ASP A 29 4.03 -0.85 -11.20
N GLY A 1 -14.20 12.43 -5.39
CA GLY A 1 -13.75 11.21 -6.13
C GLY A 1 -13.85 9.99 -5.21
N ALA A 2 -13.70 8.81 -5.78
CA ALA A 2 -13.78 7.58 -5.00
C ALA A 2 -12.65 7.52 -3.96
N MET A 3 -12.97 7.00 -2.79
CA MET A 3 -11.98 6.88 -1.72
C MET A 3 -11.96 5.47 -1.15
N GLY A 4 -10.80 5.02 -0.72
CA GLY A 4 -10.65 3.68 -0.15
C GLY A 4 -9.22 3.43 0.31
N ASN A 5 -8.98 2.25 0.85
CA ASN A 5 -7.64 1.89 1.33
C ASN A 5 -7.44 0.38 1.32
N VAL A 6 -6.20 -0.04 1.54
CA VAL A 6 -5.88 -1.47 1.57
C VAL A 6 -5.01 -1.79 2.77
N ASN A 7 -5.01 -3.05 3.19
CA ASN A 7 -4.20 -3.45 4.34
C ASN A 7 -3.22 -4.54 3.95
N CYS A 8 -1.96 -4.16 3.79
CA CYS A 8 -0.93 -5.11 3.45
C CYS A 8 -0.55 -5.88 4.72
N GLY A 9 -0.19 -7.15 4.57
CA GLY A 9 0.15 -7.95 5.74
C GLY A 9 1.30 -7.30 6.51
N GLY A 10 2.28 -6.77 5.78
CA GLY A 10 3.42 -6.14 6.41
C GLY A 10 3.04 -4.80 7.06
N VAL A 11 2.21 -4.01 6.38
CA VAL A 11 1.82 -2.70 6.90
C VAL A 11 0.45 -2.25 6.42
N PRO A 12 -0.16 -1.32 7.11
CA PRO A 12 -1.44 -0.73 6.67
C PRO A 12 -1.10 0.34 5.65
N CYS A 13 -1.63 0.24 4.45
CA CYS A 13 -1.28 1.22 3.42
C CYS A 13 -2.50 1.67 2.62
N LYS A 14 -2.72 2.97 2.57
CA LYS A 14 -3.86 3.51 1.83
C LYS A 14 -3.81 3.08 0.36
N PHE A 15 -2.63 3.24 -0.24
CA PHE A 15 -2.45 2.86 -1.63
C PHE A 15 -0.98 2.98 -2.04
N GLY A 16 -0.47 1.95 -2.70
CA GLY A 16 0.93 1.95 -3.13
C GLY A 16 1.43 0.52 -3.33
N CYS A 17 2.76 0.38 -3.41
CA CYS A 17 3.35 -0.94 -3.59
C CYS A 17 3.82 -1.49 -2.25
N CYS A 18 3.43 -2.73 -1.96
CA CYS A 18 3.82 -3.34 -0.69
C CYS A 18 4.89 -4.39 -0.91
N ARG A 19 6.11 -4.08 -0.46
CA ARG A 19 7.23 -5.00 -0.61
C ARG A 19 8.10 -4.96 0.65
N GLU A 20 8.80 -6.06 0.93
CA GLU A 20 9.65 -6.13 2.10
C GLU A 20 8.87 -5.73 3.36
N ASP A 21 7.62 -6.15 3.42
CA ASP A 21 6.77 -5.85 4.57
C ASP A 21 6.63 -4.35 4.78
N ARG A 22 6.81 -3.57 3.72
CA ARG A 22 6.68 -2.12 3.81
C ARG A 22 5.95 -1.59 2.58
N CYS A 23 5.16 -0.54 2.76
CA CYS A 23 4.42 0.04 1.64
C CYS A 23 5.03 1.39 1.22
N ARG A 24 5.37 1.49 -0.06
CA ARG A 24 5.95 2.73 -0.59
C ARG A 24 5.09 3.27 -1.72
N GLU A 25 4.77 4.56 -1.64
CA GLU A 25 3.97 5.18 -2.68
C GLU A 25 4.82 6.19 -3.45
N ILE A 26 5.71 5.65 -4.29
CA ILE A 26 6.61 6.45 -5.11
C ILE A 26 7.65 5.54 -5.77
N ASP A 27 8.09 5.92 -6.96
CA ASP A 27 9.09 5.12 -7.67
C ASP A 27 8.64 3.68 -7.82
N CYS A 28 7.37 3.49 -8.15
CA CYS A 28 6.84 2.13 -8.34
C CYS A 28 5.80 2.12 -9.46
N ASP A 29 5.96 1.17 -10.38
CA ASP A 29 5.04 1.06 -11.50
C ASP A 29 4.45 -0.35 -11.56
N GLY A 1 -14.13 11.82 -5.45
CA GLY A 1 -13.74 10.46 -5.92
C GLY A 1 -14.36 9.41 -4.99
N ALA A 2 -13.50 8.71 -4.25
CA ALA A 2 -13.97 7.69 -3.33
C ALA A 2 -13.04 7.58 -2.13
N MET A 3 -13.57 7.11 -1.00
CA MET A 3 -12.78 6.96 0.21
C MET A 3 -12.60 5.49 0.56
N GLY A 4 -11.36 5.09 0.79
CA GLY A 4 -11.07 3.70 1.15
C GLY A 4 -9.58 3.52 1.42
N ASN A 5 -9.19 2.29 1.76
CA ASN A 5 -7.79 1.99 2.05
C ASN A 5 -7.50 0.51 1.84
N VAL A 6 -6.22 0.15 1.97
CA VAL A 6 -5.81 -1.24 1.79
C VAL A 6 -4.96 -1.68 2.98
N ASN A 7 -5.16 -2.89 3.45
CA ASN A 7 -4.37 -3.36 4.58
C ASN A 7 -3.39 -4.44 4.16
N CYS A 8 -2.12 -4.08 4.06
CA CYS A 8 -1.09 -5.04 3.70
C CYS A 8 -0.65 -5.77 4.96
N GLY A 9 -0.24 -7.02 4.81
CA GLY A 9 0.16 -7.81 5.96
C GLY A 9 1.31 -7.15 6.71
N GLY A 10 2.28 -6.61 5.97
CA GLY A 10 3.41 -5.95 6.60
C GLY A 10 3.02 -4.63 7.25
N VAL A 11 2.17 -3.86 6.56
CA VAL A 11 1.75 -2.56 7.09
C VAL A 11 0.38 -2.15 6.57
N PRO A 12 -0.27 -1.24 7.25
CA PRO A 12 -1.56 -0.69 6.78
C PRO A 12 -1.23 0.40 5.77
N CYS A 13 -1.74 0.26 4.56
CA CYS A 13 -1.42 1.24 3.52
C CYS A 13 -2.65 1.59 2.67
N LYS A 14 -3.00 2.88 2.63
CA LYS A 14 -4.16 3.30 1.85
C LYS A 14 -4.00 2.90 0.39
N PHE A 15 -2.83 3.17 -0.18
CA PHE A 15 -2.57 2.81 -1.57
C PHE A 15 -1.09 2.96 -1.89
N GLY A 16 -0.51 1.92 -2.46
CA GLY A 16 0.90 1.95 -2.82
C GLY A 16 1.44 0.55 -3.11
N CYS A 17 2.76 0.44 -3.21
CA CYS A 17 3.39 -0.84 -3.47
C CYS A 17 3.84 -1.48 -2.16
N CYS A 18 3.27 -2.64 -1.83
CA CYS A 18 3.63 -3.31 -0.59
C CYS A 18 4.67 -4.39 -0.83
N ARG A 19 5.90 -4.12 -0.41
CA ARG A 19 6.99 -5.07 -0.57
C ARG A 19 7.87 -5.07 0.68
N GLU A 20 8.53 -6.19 0.94
CA GLU A 20 9.41 -6.29 2.10
C GLU A 20 8.66 -5.88 3.37
N ASP A 21 7.39 -6.24 3.44
CA ASP A 21 6.55 -5.92 4.59
C ASP A 21 6.47 -4.42 4.83
N ARG A 22 6.64 -3.64 3.75
CA ARG A 22 6.55 -2.19 3.86
C ARG A 22 5.82 -1.60 2.66
N CYS A 23 5.08 -0.51 2.88
CA CYS A 23 4.35 0.11 1.79
C CYS A 23 5.09 1.35 1.29
N ARG A 24 5.44 1.35 0.01
CA ARG A 24 6.15 2.47 -0.60
C ARG A 24 5.49 2.86 -1.90
N GLU A 25 5.38 4.17 -2.14
CA GLU A 25 4.77 4.65 -3.38
C GLU A 25 5.82 5.32 -4.25
N ILE A 26 6.66 4.50 -4.88
CA ILE A 26 7.73 4.98 -5.76
C ILE A 26 8.66 3.83 -6.15
N ASP A 27 9.19 3.89 -7.36
CA ASP A 27 10.11 2.87 -7.85
C ASP A 27 9.45 1.48 -7.86
N CYS A 28 8.13 1.45 -7.81
CA CYS A 28 7.40 0.18 -7.84
C CYS A 28 6.11 0.32 -8.63
N ASP A 29 5.88 -0.61 -9.56
CA ASP A 29 4.68 -0.57 -10.39
C ASP A 29 3.90 -1.87 -10.24
N GLY A 1 -11.44 6.19 1.71
CA GLY A 1 -12.24 5.75 2.88
C GLY A 1 -13.02 4.50 2.49
N ALA A 2 -14.14 4.71 1.81
CA ALA A 2 -14.96 3.59 1.35
C ALA A 2 -14.16 2.71 0.42
N MET A 3 -13.35 3.34 -0.42
CA MET A 3 -12.52 2.60 -1.37
C MET A 3 -11.17 3.29 -1.52
N GLY A 4 -10.24 2.62 -2.21
CA GLY A 4 -8.91 3.16 -2.41
C GLY A 4 -7.99 2.87 -1.23
N ASN A 5 -8.50 2.15 -0.23
CA ASN A 5 -7.71 1.81 0.94
C ASN A 5 -7.40 0.32 0.97
N VAL A 6 -6.13 -0.04 1.17
CA VAL A 6 -5.76 -1.46 1.22
C VAL A 6 -5.01 -1.79 2.51
N ASN A 7 -5.01 -3.06 2.89
CA ASN A 7 -4.33 -3.47 4.10
C ASN A 7 -3.33 -4.59 3.82
N CYS A 8 -2.05 -4.23 3.73
CA CYS A 8 -1.02 -5.23 3.50
C CYS A 8 -0.75 -5.97 4.81
N GLY A 9 -0.44 -7.26 4.71
CA GLY A 9 -0.20 -8.03 5.92
C GLY A 9 0.96 -7.44 6.70
N GLY A 10 1.98 -6.98 5.99
CA GLY A 10 3.14 -6.39 6.65
C GLY A 10 2.80 -5.02 7.25
N VAL A 11 2.01 -4.23 6.53
CA VAL A 11 1.65 -2.89 7.01
C VAL A 11 0.29 -2.44 6.48
N PRO A 12 -0.31 -1.47 7.14
CA PRO A 12 -1.56 -0.86 6.66
C PRO A 12 -1.17 0.21 5.66
N CYS A 13 -1.68 0.12 4.44
CA CYS A 13 -1.28 1.08 3.42
C CYS A 13 -2.48 1.62 2.66
N LYS A 14 -2.63 2.93 2.64
CA LYS A 14 -3.76 3.51 1.93
C LYS A 14 -3.74 3.07 0.48
N PHE A 15 -2.59 3.23 -0.17
CA PHE A 15 -2.44 2.82 -1.56
C PHE A 15 -0.97 2.87 -1.96
N GLY A 16 -0.50 1.79 -2.59
CA GLY A 16 0.90 1.74 -3.02
C GLY A 16 1.36 0.31 -3.20
N CYS A 17 2.67 0.12 -3.30
CA CYS A 17 3.23 -1.21 -3.47
C CYS A 17 3.75 -1.74 -2.14
N CYS A 18 3.34 -2.95 -1.78
CA CYS A 18 3.75 -3.53 -0.50
C CYS A 18 4.82 -4.60 -0.71
N ARG A 19 6.04 -4.30 -0.28
CA ARG A 19 7.15 -5.24 -0.40
C ARG A 19 8.05 -5.16 0.83
N GLU A 20 8.72 -6.27 1.15
CA GLU A 20 9.63 -6.30 2.29
C GLU A 20 8.96 -5.74 3.55
N ASP A 21 7.71 -6.12 3.78
CA ASP A 21 6.98 -5.66 4.95
C ASP A 21 6.94 -4.13 5.02
N ARG A 22 6.99 -3.49 3.86
CA ARG A 22 6.95 -2.04 3.79
C ARG A 22 6.09 -1.61 2.60
N CYS A 23 5.39 -0.48 2.73
CA CYS A 23 4.56 0.01 1.64
C CYS A 23 5.01 1.39 1.19
N ARG A 24 5.30 1.51 -0.10
CA ARG A 24 5.74 2.79 -0.65
C ARG A 24 4.78 3.24 -1.75
N GLU A 25 4.34 4.50 -1.69
CA GLU A 25 3.45 5.01 -2.71
C GLU A 25 4.18 6.02 -3.57
N ILE A 26 5.05 5.51 -4.44
CA ILE A 26 5.85 6.35 -5.35
C ILE A 26 6.92 5.50 -6.04
N ASP A 27 7.25 5.88 -7.27
CA ASP A 27 8.27 5.17 -8.03
C ASP A 27 7.93 3.68 -8.16
N CYS A 28 6.63 3.38 -8.27
CA CYS A 28 6.19 2.00 -8.41
C CYS A 28 4.96 1.91 -9.30
N ASP A 29 5.03 1.01 -10.29
CA ASP A 29 3.93 0.81 -11.22
C ASP A 29 2.60 0.68 -10.49
N GLY A 1 -13.55 4.60 -4.52
CA GLY A 1 -12.08 4.39 -4.57
C GLY A 1 -11.44 4.99 -3.32
N ALA A 2 -11.75 6.25 -3.05
CA ALA A 2 -11.21 6.93 -1.88
C ALA A 2 -11.66 6.23 -0.61
N MET A 3 -12.92 5.83 -0.57
CA MET A 3 -13.47 5.13 0.59
C MET A 3 -12.76 3.81 0.82
N GLY A 4 -12.47 3.11 -0.27
CA GLY A 4 -11.78 1.83 -0.18
C GLY A 4 -10.30 2.01 0.16
N ASN A 5 -9.63 0.91 0.49
CA ASN A 5 -8.22 0.96 0.83
C ASN A 5 -7.56 -0.39 0.63
N VAL A 6 -6.26 -0.47 0.88
CA VAL A 6 -5.52 -1.72 0.72
C VAL A 6 -4.81 -2.05 2.01
N ASN A 7 -4.81 -3.30 2.40
CA ASN A 7 -4.13 -3.70 3.63
C ASN A 7 -3.00 -4.67 3.34
N CYS A 8 -1.78 -4.19 3.48
CA CYS A 8 -0.62 -5.03 3.27
C CYS A 8 -0.25 -5.71 4.58
N GLY A 9 0.32 -6.91 4.51
CA GLY A 9 0.67 -7.64 5.72
C GLY A 9 1.63 -6.85 6.59
N GLY A 10 2.61 -6.21 5.98
CA GLY A 10 3.58 -5.42 6.72
C GLY A 10 2.96 -4.15 7.29
N VAL A 11 2.14 -3.46 6.49
CA VAL A 11 1.52 -2.22 6.94
C VAL A 11 0.18 -1.95 6.24
N PRO A 12 -0.62 -1.09 6.80
CA PRO A 12 -1.89 -0.69 6.17
C PRO A 12 -1.61 0.43 5.19
N CYS A 13 -1.96 0.23 3.93
CA CYS A 13 -1.69 1.25 2.92
C CYS A 13 -2.94 1.60 2.11
N LYS A 14 -3.32 2.87 2.14
CA LYS A 14 -4.50 3.30 1.41
C LYS A 14 -4.34 3.00 -0.08
N PHE A 15 -3.15 3.25 -0.60
CA PHE A 15 -2.87 2.99 -2.00
C PHE A 15 -1.38 3.19 -2.31
N GLY A 16 -0.76 2.17 -2.88
CA GLY A 16 0.65 2.24 -3.21
C GLY A 16 1.23 0.86 -3.47
N CYS A 17 2.55 0.77 -3.52
CA CYS A 17 3.20 -0.52 -3.76
C CYS A 17 3.74 -1.07 -2.44
N CYS A 18 3.47 -2.35 -2.16
CA CYS A 18 3.92 -2.95 -0.91
C CYS A 18 4.89 -4.10 -1.21
N ARG A 19 6.10 -3.97 -0.68
CA ARG A 19 7.13 -4.99 -0.89
C ARG A 19 7.95 -5.18 0.39
N GLU A 20 8.26 -6.43 0.73
CA GLU A 20 9.04 -6.72 1.93
C GLU A 20 8.38 -6.11 3.17
N ASP A 21 7.07 -6.29 3.29
CA ASP A 21 6.33 -5.77 4.43
C ASP A 21 6.53 -4.27 4.59
N ARG A 22 6.67 -3.57 3.47
CA ARG A 22 6.85 -2.12 3.51
C ARG A 22 6.09 -1.47 2.36
N CYS A 23 5.28 -0.46 2.66
CA CYS A 23 4.51 0.22 1.63
C CYS A 23 5.15 1.53 1.22
N ARG A 24 5.49 1.66 -0.06
CA ARG A 24 6.11 2.86 -0.58
C ARG A 24 5.22 3.50 -1.64
N GLU A 25 4.99 4.81 -1.51
CA GLU A 25 4.17 5.51 -2.49
C GLU A 25 5.06 6.49 -3.26
N ILE A 26 5.86 5.94 -4.17
CA ILE A 26 6.78 6.73 -5.00
C ILE A 26 7.75 5.79 -5.74
N ASP A 27 8.17 6.19 -6.92
CA ASP A 27 9.11 5.39 -7.71
C ASP A 27 8.57 3.98 -7.93
N CYS A 28 7.28 3.89 -8.22
CA CYS A 28 6.66 2.58 -8.46
C CYS A 28 5.57 2.71 -9.54
N ASP A 29 5.63 1.83 -10.53
CA ASP A 29 4.66 1.85 -11.60
C ASP A 29 3.51 0.90 -11.31
N GLY A 1 -13.44 11.16 -6.07
CA GLY A 1 -13.29 9.84 -6.73
C GLY A 1 -13.69 8.73 -5.77
N ALA A 2 -13.44 7.49 -6.15
CA ALA A 2 -13.79 6.35 -5.31
C ALA A 2 -13.01 6.39 -4.00
N MET A 3 -13.65 6.00 -2.91
CA MET A 3 -13.01 6.00 -1.60
C MET A 3 -12.77 4.57 -1.13
N GLY A 4 -11.52 4.29 -0.75
CA GLY A 4 -11.16 2.96 -0.27
C GLY A 4 -9.68 2.90 0.10
N ASN A 5 -9.22 1.72 0.52
CA ASN A 5 -7.82 1.56 0.90
C ASN A 5 -7.41 0.10 0.77
N VAL A 6 -6.12 -0.17 1.05
CA VAL A 6 -5.60 -1.52 0.96
C VAL A 6 -4.90 -1.88 2.27
N ASN A 7 -5.07 -3.12 2.72
CA ASN A 7 -4.44 -3.53 3.96
C ASN A 7 -3.43 -4.64 3.70
N CYS A 8 -2.16 -4.26 3.59
CA CYS A 8 -1.11 -5.25 3.38
C CYS A 8 -0.82 -5.92 4.71
N GLY A 9 -0.47 -7.20 4.67
CA GLY A 9 -0.21 -7.94 5.90
C GLY A 9 0.90 -7.26 6.70
N GLY A 10 1.93 -6.80 6.01
CA GLY A 10 3.04 -6.14 6.66
C GLY A 10 2.65 -4.77 7.21
N VAL A 11 1.86 -4.02 6.43
CA VAL A 11 1.45 -2.68 6.85
C VAL A 11 0.12 -2.25 6.24
N PRO A 12 -0.54 -1.29 6.85
CA PRO A 12 -1.78 -0.72 6.30
C PRO A 12 -1.37 0.31 5.26
N CYS A 13 -1.82 0.14 4.03
CA CYS A 13 -1.42 1.06 2.98
C CYS A 13 -2.59 1.48 2.09
N LYS A 14 -2.85 2.78 2.01
CA LYS A 14 -3.95 3.27 1.19
C LYS A 14 -3.75 2.86 -0.27
N PHE A 15 -2.51 2.97 -0.75
CA PHE A 15 -2.22 2.59 -2.13
C PHE A 15 -0.71 2.67 -2.38
N GLY A 16 -0.18 1.63 -3.01
CA GLY A 16 1.26 1.59 -3.31
C GLY A 16 1.75 0.16 -3.44
N CYS A 17 3.07 -0.01 -3.42
CA CYS A 17 3.66 -1.35 -3.54
C CYS A 17 4.03 -1.87 -2.16
N CYS A 18 3.58 -3.08 -1.83
CA CYS A 18 3.88 -3.65 -0.53
C CYS A 18 5.00 -4.69 -0.65
N ARG A 19 6.17 -4.33 -0.14
CA ARG A 19 7.32 -5.23 -0.16
C ARG A 19 8.11 -5.16 1.14
N GLU A 20 8.76 -6.26 1.50
CA GLU A 20 9.55 -6.30 2.73
C GLU A 20 8.73 -5.80 3.92
N ASP A 21 7.46 -6.19 3.96
CA ASP A 21 6.58 -5.78 5.04
C ASP A 21 6.54 -4.26 5.16
N ARG A 22 6.66 -3.58 4.02
CA ARG A 22 6.62 -2.12 4.00
C ARG A 22 5.97 -1.63 2.71
N CYS A 23 5.07 -0.65 2.83
CA CYS A 23 4.40 -0.13 1.64
C CYS A 23 5.05 1.17 1.17
N ARG A 24 5.50 1.16 -0.08
CA ARG A 24 6.14 2.34 -0.68
C ARG A 24 5.26 2.93 -1.77
N GLU A 25 5.12 4.25 -1.76
CA GLU A 25 4.32 4.91 -2.78
C GLU A 25 5.17 5.92 -3.54
N ILE A 26 6.03 5.40 -4.42
CA ILE A 26 6.92 6.24 -5.24
C ILE A 26 7.92 5.37 -5.98
N ASP A 27 8.21 5.73 -7.23
CA ASP A 27 9.16 5.00 -8.05
C ASP A 27 8.82 3.51 -8.10
N CYS A 28 7.54 3.19 -8.20
CA CYS A 28 7.11 1.80 -8.27
C CYS A 28 5.94 1.65 -9.24
N ASP A 29 6.04 0.68 -10.14
CA ASP A 29 4.99 0.44 -11.12
C ASP A 29 5.23 -0.87 -11.86
#